data_2F5P
#
_entry.id   2F5P
#
_cell.length_a   45.372
_cell.length_b   91.982
_cell.length_c   106.125
_cell.angle_alpha   90.00
_cell.angle_beta   90.00
_cell.angle_gamma   90.00
#
_symmetry.space_group_name_H-M   'P 21 21 21'
#
loop_
_entity.id
_entity.type
_entity.pdbx_description
1 polymer "5'-D(*AP*GP*GP*TP*AP*GP*AP*CP*TP*TP*GP*GP*AP*CP*GP*C)-3'"
2 polymer "5'-D(*TP*GP*CP*G*TP*CP*CP*AP*AP*GP*TP*CP*TP*AP*CP*C)-3'"
3 polymer 'formamidopyrimidine-DNA glycosidase'
4 non-polymer 'ZINC ION'
5 water water
#
loop_
_entity_poly.entity_id
_entity_poly.type
_entity_poly.pdbx_seq_one_letter_code
_entity_poly.pdbx_strand_id
1 'polydeoxyribonucleotide' (DA)(DG)(DG)(DT)(DA)(DG)(DA)(DC)(DT)(DT)(DG)(DG)(DA)(DC)(DG)(DC) C
2 'polydeoxyribonucleotide' (DT)(DG)(DC)(DG)(DT)(DC)(DC)(DA)(DA)(DG)(DT)(DC)(DT)(DA)(DC)(DC) D
3 'polypeptide(L)'
;MPELPEVETIRRTLLPLIVGKTIEDVRIFWPNIIRHPRDSEAFAARMIGQTVRGLERRGKFLKFLLDRDALISHLRMEGR
YAVASALEPLEPHTHVVFCFTDGSELRYRDVRKFGTMHVYAKEEADRRPPLAELGPEPLSPAFSPAVLAERAVKTKRSVK
ALLLDCTVVAGFGNIYVDESLFRAGILPGRPAASLSSKEIERLHEEMVATIGEAVMKGGSTVRTYVNTQGEAGTFQHHLY
VYGRQGNPCKRCGTPIEKTVVAGRGTHYCPRCQR
;
A
#
loop_
_chem_comp.id
_chem_comp.type
_chem_comp.name
_chem_comp.formula
DA DNA linking 2'-DEOXYADENOSINE-5'-MONOPHOSPHATE 'C10 H14 N5 O6 P'
DC DNA linking 2'-DEOXYCYTIDINE-5'-MONOPHOSPHATE 'C9 H14 N3 O7 P'
DG DNA linking 2'-DEOXYGUANOSINE-5'-MONOPHOSPHATE 'C10 H14 N5 O7 P'
DT DNA linking THYMIDINE-5'-MONOPHOSPHATE 'C10 H15 N2 O8 P'
ZN non-polymer 'ZINC ION' 'Zn 2'
#
# COMPACT_ATOMS: atom_id res chain seq x y z
N PRO C 2 3.37 0.33 -6.27
CA PRO C 2 2.34 -0.70 -6.53
C PRO C 2 1.17 -0.69 -5.55
N GLU C 3 0.02 -1.15 -6.04
CA GLU C 3 -1.21 -1.23 -5.25
C GLU C 3 -1.15 -2.51 -4.41
N LEU C 4 -2.11 -2.68 -3.51
CA LEU C 4 -2.13 -3.83 -2.63
C LEU C 4 -2.04 -5.19 -3.34
N PRO C 5 -2.83 -5.40 -4.40
CA PRO C 5 -2.77 -6.68 -5.12
C PRO C 5 -1.38 -6.95 -5.66
N GLU C 6 -0.73 -5.89 -6.15
CA GLU C 6 0.63 -6.00 -6.69
C GLU C 6 1.66 -6.26 -5.58
N VAL C 7 1.46 -5.68 -4.41
CA VAL C 7 2.38 -5.89 -3.29
C VAL C 7 2.26 -7.37 -2.89
N GLU C 8 1.05 -7.93 -2.99
CA GLU C 8 0.87 -9.34 -2.65
C GLU C 8 1.60 -10.24 -3.65
N THR C 9 1.57 -9.87 -4.93
CA THR C 9 2.25 -10.63 -5.97
C THR C 9 3.75 -10.55 -5.73
N ILE C 10 4.22 -9.35 -5.36
CA ILE C 10 5.62 -9.13 -5.07
C ILE C 10 6.01 -10.02 -3.88
N ARG C 11 5.16 -10.06 -2.85
CA ARG C 11 5.43 -10.88 -1.69
C ARG C 11 5.61 -12.34 -2.10
N ARG C 12 4.66 -12.85 -2.89
CA ARG C 12 4.71 -14.24 -3.33
C ARG C 12 5.93 -14.54 -4.21
N THR C 13 6.26 -13.61 -5.10
CA THR C 13 7.39 -13.79 -6.02
C THR C 13 8.76 -13.68 -5.36
N LEU C 14 8.87 -12.71 -4.46
CA LEU C 14 10.12 -12.44 -3.78
C LEU C 14 10.54 -13.50 -2.75
N LEU C 15 9.57 -14.03 -2.01
CA LEU C 15 9.87 -15.02 -0.96
C LEU C 15 10.83 -16.15 -1.34
N PRO C 16 10.48 -16.96 -2.36
CA PRO C 16 11.41 -18.04 -2.70
C PRO C 16 12.79 -17.58 -3.18
N LEU C 17 12.87 -16.35 -3.69
CA LEU C 17 14.14 -15.82 -4.16
C LEU C 17 15.07 -15.36 -3.02
N ILE C 18 14.54 -15.20 -1.82
CA ILE C 18 15.36 -14.75 -0.69
C ILE C 18 15.30 -15.63 0.57
N VAL C 19 14.30 -16.48 0.67
CA VAL C 19 14.17 -17.31 1.86
C VAL C 19 15.40 -18.19 2.09
N GLY C 20 15.88 -18.23 3.33
CA GLY C 20 17.05 -19.04 3.64
C GLY C 20 18.39 -18.36 3.39
N LYS C 21 18.38 -17.19 2.76
CA LYS C 21 19.64 -16.49 2.50
C LYS C 21 20.12 -15.72 3.73
N THR C 22 21.44 -15.58 3.89
CA THR C 22 21.99 -14.90 5.04
C THR C 22 22.60 -13.56 4.65
N ILE C 23 22.24 -12.51 5.39
CA ILE C 23 22.76 -11.17 5.08
C ILE C 23 24.21 -11.02 5.50
N GLU C 24 25.05 -10.62 4.55
CA GLU C 24 26.45 -10.42 4.85
C GLU C 24 26.79 -8.94 4.90
N ASP C 25 26.00 -8.12 4.20
CA ASP C 25 26.26 -6.68 4.21
C ASP C 25 24.98 -5.95 3.85
N VAL C 26 24.88 -4.71 4.28
CA VAL C 26 23.75 -3.85 3.93
C VAL C 26 24.34 -2.52 3.50
N ARG C 27 24.12 -2.17 2.25
CA ARG C 27 24.68 -0.93 1.72
C ARG C 27 23.58 0.10 1.53
N ILE C 28 23.80 1.30 2.04
CA ILE C 28 22.80 2.36 1.97
C ILE C 28 23.33 3.60 1.26
N PHE C 29 22.70 3.96 0.15
CA PHE C 29 23.12 5.12 -0.64
C PHE C 29 22.28 6.37 -0.37
N TRP C 30 21.19 6.21 0.37
CA TRP C 30 20.35 7.34 0.76
C TRP C 30 19.83 7.03 2.17
N PRO C 31 20.57 7.46 3.19
CA PRO C 31 20.22 7.24 4.61
C PRO C 31 18.80 7.57 5.05
N ASN C 32 18.20 8.62 4.52
CA ASN C 32 16.85 8.97 4.97
C ASN C 32 15.74 7.97 4.63
N ILE C 33 16.02 6.97 3.80
CA ILE C 33 15.01 5.94 3.48
C ILE C 33 14.74 5.20 4.81
N ILE C 34 15.82 5.04 5.59
CA ILE C 34 15.75 4.35 6.88
C ILE C 34 15.10 5.28 7.92
N ARG C 35 14.00 4.81 8.53
CA ARG C 35 13.30 5.61 9.52
C ARG C 35 13.50 5.09 10.94
N HIS C 36 13.81 3.79 11.06
CA HIS C 36 14.09 3.21 12.37
C HIS C 36 15.00 2.01 12.20
N PRO C 37 16.09 1.92 12.99
CA PRO C 37 16.45 2.93 14.01
C PRO C 37 16.86 4.21 13.30
N ARG C 38 16.95 5.31 14.04
CA ARG C 38 17.30 6.60 13.45
C ARG C 38 18.60 6.65 12.66
N ASP C 39 19.62 5.95 13.17
CA ASP C 39 20.92 5.90 12.52
C ASP C 39 20.93 4.79 11.46
N SER C 40 21.13 5.15 10.20
CA SER C 40 21.15 4.14 9.13
C SER C 40 22.30 3.13 9.35
N GLU C 41 23.37 3.57 10.02
CA GLU C 41 24.49 2.67 10.31
C GLU C 41 24.08 1.58 11.32
N ALA C 42 23.16 1.90 12.22
CA ALA C 42 22.67 0.93 13.21
C ALA C 42 21.79 -0.09 12.50
N PHE C 43 20.96 0.43 11.60
CA PHE C 43 20.04 -0.36 10.77
C PHE C 43 20.86 -1.42 10.03
N ALA C 44 21.88 -0.97 9.33
CA ALA C 44 22.75 -1.86 8.55
C ALA C 44 23.47 -2.89 9.44
N ALA C 45 24.07 -2.42 10.52
CA ALA C 45 24.81 -3.30 11.41
C ALA C 45 24.00 -4.43 12.06
N ARG C 46 22.79 -4.12 12.50
CA ARG C 46 21.98 -5.14 13.18
C ARG C 46 21.50 -6.25 12.26
N MET C 47 21.35 -5.95 10.98
CA MET C 47 20.85 -6.97 10.06
C MET C 47 21.87 -7.99 9.60
N ILE C 48 23.15 -7.62 9.63
CA ILE C 48 24.21 -8.52 9.19
C ILE C 48 24.25 -9.78 10.06
N GLY C 49 24.33 -10.94 9.40
CA GLY C 49 24.37 -12.20 10.11
C GLY C 49 23.00 -12.86 10.25
N GLN C 50 21.94 -12.10 10.01
CA GLN C 50 20.60 -12.66 10.10
C GLN C 50 20.16 -13.32 8.81
N THR C 51 19.39 -14.38 8.93
CA THR C 51 18.88 -15.11 7.77
C THR C 51 17.40 -14.76 7.53
N VAL C 52 17.02 -14.65 6.26
CA VAL C 52 15.63 -14.35 5.89
C VAL C 52 14.78 -15.62 6.10
N ARG C 53 13.76 -15.52 6.96
CA ARG C 53 12.92 -16.65 7.27
C ARG C 53 11.51 -16.57 6.67
N GLY C 54 11.05 -15.36 6.39
CA GLY C 54 9.71 -15.24 5.83
C GLY C 54 9.45 -13.86 5.27
N LEU C 55 8.31 -13.71 4.63
CA LEU C 55 7.91 -12.45 4.01
C LEU C 55 6.38 -12.39 4.06
N GLU C 56 5.88 -11.39 4.77
CA GLU C 56 4.46 -11.18 4.93
C GLU C 56 4.04 -9.79 4.43
N ARG C 57 2.74 -9.60 4.25
CA ARG C 57 2.23 -8.32 3.78
C ARG C 57 1.16 -7.85 4.75
N ARG C 58 1.16 -6.56 5.04
CA ARG C 58 0.15 -5.94 5.90
C ARG C 58 -0.22 -4.71 5.09
N GLY C 59 -1.42 -4.69 4.50
CA GLY C 59 -1.81 -3.55 3.67
C GLY C 59 -0.81 -3.46 2.53
N LYS C 60 -0.20 -2.30 2.33
CA LYS C 60 0.79 -2.16 1.28
C LYS C 60 2.26 -2.25 1.77
N PHE C 61 2.44 -2.63 3.04
CA PHE C 61 3.78 -2.82 3.61
C PHE C 61 4.23 -4.27 3.48
N LEU C 62 5.51 -4.48 3.26
CA LEU C 62 6.03 -5.83 3.23
C LEU C 62 6.75 -5.96 4.56
N LYS C 63 6.64 -7.13 5.17
CA LYS C 63 7.31 -7.37 6.43
C LYS C 63 8.26 -8.55 6.21
N PHE C 64 9.55 -8.25 6.06
CA PHE C 64 10.58 -9.28 5.89
C PHE C 64 10.90 -9.83 7.30
N LEU C 65 10.77 -11.12 7.49
CA LEU C 65 11.06 -11.71 8.79
C LEU C 65 12.45 -12.33 8.77
N LEU C 66 13.32 -11.87 9.66
CA LEU C 66 14.68 -12.39 9.75
C LEU C 66 14.76 -13.28 11.00
N ASP C 67 15.93 -13.40 11.62
CA ASP C 67 16.06 -14.24 12.80
C ASP C 67 15.47 -13.57 14.03
N ARG C 68 15.96 -12.38 14.36
CA ARG C 68 15.48 -11.64 15.53
C ARG C 68 14.60 -10.46 15.13
N ASP C 69 14.95 -9.85 14.00
CA ASP C 69 14.27 -8.66 13.51
C ASP C 69 13.27 -8.83 12.39
N ALA C 70 12.48 -7.77 12.20
CA ALA C 70 11.55 -7.71 11.10
C ALA C 70 11.88 -6.39 10.38
N LEU C 71 11.93 -6.45 9.06
CA LEU C 71 12.18 -5.24 8.25
C LEU C 71 10.83 -4.85 7.64
N ILE C 72 10.35 -3.66 7.94
CA ILE C 72 9.06 -3.19 7.40
C ILE C 72 9.41 -2.21 6.30
N SER C 73 8.94 -2.50 5.09
CA SER C 73 9.28 -1.69 3.94
C SER C 73 8.08 -1.28 3.09
N HIS C 74 8.08 -0.03 2.65
CA HIS C 74 7.00 0.44 1.81
C HIS C 74 7.57 1.05 0.54
N LEU C 75 7.13 0.53 -0.60
CA LEU C 75 7.57 0.98 -1.91
C LEU C 75 6.76 2.16 -2.42
N ARG C 76 5.59 2.35 -1.81
CA ARG C 76 4.65 3.37 -2.24
C ARG C 76 4.36 3.08 -3.71
N MET C 77 4.37 4.09 -4.55
CA MET C 77 4.03 3.86 -5.94
C MET C 77 5.13 3.50 -6.92
N GLU C 78 6.25 4.20 -6.85
CA GLU C 78 7.34 3.98 -7.79
C GLU C 78 8.52 3.12 -7.35
N GLY C 79 8.53 2.68 -6.10
CA GLY C 79 9.61 1.84 -5.61
C GLY C 79 9.50 0.45 -6.18
N ARG C 80 10.62 -0.28 -6.25
CA ARG C 80 10.65 -1.65 -6.77
C ARG C 80 11.81 -2.46 -6.19
N TYR C 81 11.63 -3.77 -6.07
CA TYR C 81 12.69 -4.64 -5.57
C TYR C 81 13.23 -5.48 -6.70
N ALA C 82 14.45 -5.98 -6.54
CA ALA C 82 15.05 -6.86 -7.52
C ALA C 82 16.08 -7.72 -6.81
N VAL C 83 16.18 -8.96 -7.24
CA VAL C 83 17.16 -9.89 -6.68
C VAL C 83 18.12 -10.15 -7.84
N ALA C 84 19.39 -9.84 -7.66
CA ALA C 84 20.35 -10.06 -8.73
C ALA C 84 21.74 -10.28 -8.19
N SER C 85 22.67 -10.57 -9.10
CA SER C 85 24.07 -10.83 -8.75
C SER C 85 24.91 -9.61 -8.37
N ALA C 86 25.69 -9.76 -7.30
CA ALA C 86 26.56 -8.68 -6.86
C ALA C 86 27.62 -8.38 -7.92
N LEU C 87 27.81 -9.29 -8.87
CA LEU C 87 28.82 -9.09 -9.90
C LEU C 87 28.38 -8.11 -11.01
N GLU C 88 27.08 -7.85 -11.10
CA GLU C 88 26.57 -6.96 -12.12
C GLU C 88 26.34 -5.52 -11.62
N PRO C 89 26.42 -4.53 -12.54
CA PRO C 89 26.22 -3.14 -12.14
C PRO C 89 24.81 -2.95 -11.58
N LEU C 90 24.66 -2.05 -10.60
CA LEU C 90 23.34 -1.76 -10.04
C LEU C 90 22.51 -0.95 -11.04
N GLU C 91 21.19 -1.08 -10.95
CA GLU C 91 20.28 -0.32 -11.78
C GLU C 91 20.35 1.12 -11.29
N PRO C 92 19.95 2.08 -12.14
CA PRO C 92 20.01 3.48 -11.67
C PRO C 92 19.00 3.68 -10.52
N HIS C 93 19.27 4.65 -9.66
CA HIS C 93 18.40 4.95 -8.53
C HIS C 93 18.28 3.84 -7.49
N THR C 94 19.36 3.09 -7.27
CA THR C 94 19.30 2.04 -6.26
C THR C 94 19.71 2.68 -4.95
N HIS C 95 18.86 2.59 -3.95
CA HIS C 95 19.12 3.25 -2.68
C HIS C 95 19.58 2.40 -1.50
N VAL C 96 19.18 1.14 -1.49
CA VAL C 96 19.52 0.24 -0.39
C VAL C 96 19.76 -1.13 -1.01
N VAL C 97 20.84 -1.80 -0.60
CA VAL C 97 21.14 -3.14 -1.12
C VAL C 97 21.44 -4.09 0.05
N PHE C 98 20.77 -5.23 0.05
CA PHE C 98 20.99 -6.21 1.08
C PHE C 98 21.86 -7.27 0.38
N CYS C 99 23.08 -7.48 0.87
CA CYS C 99 23.97 -8.47 0.24
C CYS C 99 23.94 -9.80 0.99
N PHE C 100 23.68 -10.87 0.26
CA PHE C 100 23.63 -12.20 0.88
C PHE C 100 24.97 -12.92 0.71
N THR C 101 25.20 -13.95 1.54
CA THR C 101 26.46 -14.71 1.49
C THR C 101 26.63 -15.56 0.24
N ASP C 102 25.57 -15.69 -0.56
CA ASP C 102 25.69 -16.49 -1.78
C ASP C 102 26.01 -15.60 -2.99
N GLY C 103 26.40 -14.36 -2.74
CA GLY C 103 26.74 -13.47 -3.84
C GLY C 103 25.54 -12.83 -4.54
N SER C 104 24.33 -13.08 -4.05
CA SER C 104 23.16 -12.44 -4.65
C SER C 104 22.78 -11.25 -3.77
N GLU C 105 21.87 -10.39 -4.25
CA GLU C 105 21.48 -9.18 -3.53
C GLU C 105 19.99 -8.89 -3.69
N LEU C 106 19.40 -8.28 -2.67
CA LEU C 106 18.01 -7.85 -2.72
C LEU C 106 18.19 -6.34 -2.83
N ARG C 107 17.67 -5.76 -3.90
CA ARG C 107 17.84 -4.32 -4.14
C ARG C 107 16.56 -3.48 -4.19
N TYR C 108 16.57 -2.30 -3.54
CA TYR C 108 15.43 -1.39 -3.59
C TYR C 108 15.84 -0.20 -4.46
N ARG C 109 15.10 0.05 -5.55
CA ARG C 109 15.38 1.18 -6.42
C ARG C 109 14.08 2.02 -6.54
N ASP C 110 14.23 3.33 -6.76
CA ASP C 110 13.05 4.18 -6.82
C ASP C 110 13.42 5.54 -7.41
N VAL C 111 12.95 5.82 -8.63
CA VAL C 111 13.26 7.09 -9.26
C VAL C 111 12.80 8.24 -8.36
N ARG C 112 11.76 7.96 -7.56
CA ARG C 112 11.21 8.98 -6.67
C ARG C 112 11.88 8.99 -5.30
N LYS C 113 12.63 7.93 -4.96
CA LYS C 113 13.35 7.87 -3.68
C LYS C 113 12.35 8.20 -2.57
N PHE C 114 11.14 7.66 -2.71
CA PHE C 114 10.06 7.98 -1.79
C PHE C 114 9.66 6.85 -0.81
N GLY C 115 10.39 5.74 -0.85
CA GLY C 115 10.05 4.63 0.04
C GLY C 115 10.58 4.80 1.45
N THR C 116 10.17 3.92 2.35
CA THR C 116 10.62 3.98 3.75
C THR C 116 10.89 2.59 4.28
N MET C 117 11.79 2.49 5.25
CA MET C 117 12.14 1.23 5.87
C MET C 117 12.30 1.41 7.38
N HIS C 118 11.80 0.43 8.12
CA HIS C 118 11.87 0.44 9.59
C HIS C 118 12.25 -0.97 10.02
N VAL C 119 13.14 -1.08 11.02
CA VAL C 119 13.52 -2.38 11.54
C VAL C 119 13.34 -2.40 13.08
N TYR C 120 12.66 -3.43 13.56
CA TYR C 120 12.45 -3.62 15.01
C TYR C 120 12.58 -5.10 15.32
N ALA C 121 12.78 -5.45 16.59
CA ALA C 121 12.79 -6.87 16.93
C ALA C 121 11.39 -7.34 16.48
N LYS C 122 11.32 -8.55 15.94
CA LYS C 122 10.05 -9.10 15.44
C LYS C 122 8.82 -8.88 16.33
N GLU C 123 8.95 -9.23 17.61
CA GLU C 123 7.85 -9.10 18.55
C GLU C 123 7.35 -7.67 18.77
N GLU C 124 8.11 -6.67 18.31
CA GLU C 124 7.68 -5.29 18.54
C GLU C 124 7.11 -4.60 17.30
N ALA C 125 7.45 -5.11 16.13
CA ALA C 125 7.02 -4.54 14.86
C ALA C 125 5.55 -4.12 14.77
N ASP C 126 4.67 -4.99 15.19
CA ASP C 126 3.25 -4.70 15.10
C ASP C 126 2.76 -3.58 15.99
N ARG C 127 3.48 -3.24 17.05
CA ARG C 127 3.00 -2.16 17.91
C ARG C 127 3.77 -0.87 17.76
N ARG C 128 4.55 -0.78 16.69
CA ARG C 128 5.35 0.40 16.42
C ARG C 128 5.01 0.92 15.04
N PRO C 129 5.32 2.20 14.78
CA PRO C 129 5.03 2.71 13.45
C PRO C 129 5.92 1.94 12.46
N PRO C 130 5.49 1.79 11.20
CA PRO C 130 4.25 2.29 10.61
C PRO C 130 3.10 1.28 10.65
N LEU C 131 3.33 0.12 11.28
CA LEU C 131 2.28 -0.90 11.31
C LEU C 131 1.25 -0.67 12.40
N ALA C 132 1.63 0.09 13.42
CA ALA C 132 0.73 0.39 14.53
C ALA C 132 -0.53 1.09 14.01
N GLU C 133 -1.71 0.69 14.47
CA GLU C 133 -2.97 1.35 14.04
C GLU C 133 -3.49 0.95 12.66
N LEU C 134 -2.71 0.18 11.90
CA LEU C 134 -3.17 -0.21 10.56
C LEU C 134 -4.53 -0.91 10.62
N GLY C 135 -5.45 -0.46 9.78
CA GLY C 135 -6.78 -1.06 9.74
C GLY C 135 -6.80 -2.49 9.24
N PRO C 136 -7.97 -3.15 9.27
CA PRO C 136 -8.09 -4.53 8.81
C PRO C 136 -7.85 -4.72 7.30
N GLU C 137 -7.43 -5.92 6.95
CA GLU C 137 -7.20 -6.29 5.55
C GLU C 137 -8.57 -6.23 4.86
N PRO C 138 -8.66 -5.48 3.76
CA PRO C 138 -9.93 -5.34 3.01
C PRO C 138 -10.55 -6.64 2.50
N LEU C 139 -9.75 -7.66 2.25
CA LEU C 139 -10.29 -8.93 1.77
C LEU C 139 -10.50 -9.92 2.92
N SER C 140 -10.51 -9.42 4.15
CA SER C 140 -10.69 -10.28 5.33
C SER C 140 -12.00 -10.02 6.04
N PRO C 141 -12.49 -11.01 6.81
CA PRO C 141 -13.74 -10.88 7.56
C PRO C 141 -13.71 -9.68 8.50
N ALA C 142 -12.51 -9.28 8.87
CA ALA C 142 -12.33 -8.15 9.78
C ALA C 142 -12.79 -6.82 9.18
N PHE C 143 -12.86 -6.75 7.85
CA PHE C 143 -13.34 -5.53 7.21
C PHE C 143 -14.78 -5.85 6.81
N SER C 144 -15.72 -5.24 7.53
CA SER C 144 -17.13 -5.49 7.29
C SER C 144 -17.94 -4.20 7.17
N PRO C 145 -19.17 -4.30 6.68
CA PRO C 145 -20.01 -3.11 6.55
C PRO C 145 -20.13 -2.44 7.93
N ALA C 146 -20.33 -3.27 8.95
CA ALA C 146 -20.46 -2.78 10.32
C ALA C 146 -19.25 -1.93 10.71
N VAL C 147 -18.06 -2.44 10.44
CA VAL C 147 -16.83 -1.72 10.75
C VAL C 147 -16.84 -0.39 10.02
N LEU C 148 -17.21 -0.44 8.75
CA LEU C 148 -17.25 0.76 7.92
C LEU C 148 -18.29 1.75 8.45
N ALA C 149 -19.48 1.27 8.78
CA ALA C 149 -20.54 2.13 9.30
C ALA C 149 -20.11 2.82 10.60
N GLU C 150 -19.52 2.06 11.51
CA GLU C 150 -19.08 2.60 12.80
C GLU C 150 -18.17 3.82 12.62
N ARG C 151 -17.17 3.70 11.75
CA ARG C 151 -16.28 4.81 11.50
C ARG C 151 -16.99 5.94 10.75
N ALA C 152 -17.86 5.57 9.81
CA ALA C 152 -18.59 6.55 9.00
C ALA C 152 -19.48 7.46 9.84
N VAL C 153 -20.41 6.86 10.59
CA VAL C 153 -21.30 7.63 11.44
C VAL C 153 -20.55 7.86 12.73
N LYS C 154 -19.61 8.78 12.70
CA LYS C 154 -18.78 9.10 13.86
C LYS C 154 -17.78 10.20 13.52
N THR C 155 -17.70 10.55 12.24
CA THR C 155 -16.79 11.60 11.78
C THR C 155 -17.52 12.65 10.95
N LYS C 156 -16.86 13.79 10.73
CA LYS C 156 -17.45 14.86 9.95
C LYS C 156 -16.81 14.94 8.57
N ARG C 157 -15.79 14.11 8.35
CA ARG C 157 -15.06 14.08 7.09
C ARG C 157 -15.83 13.51 5.90
N SER C 158 -15.33 13.78 4.70
CA SER C 158 -15.92 13.25 3.47
C SER C 158 -15.81 11.72 3.46
N VAL C 159 -16.60 11.06 2.61
CA VAL C 159 -16.51 9.61 2.52
C VAL C 159 -15.12 9.24 1.91
N LYS C 160 -14.61 10.09 1.01
CA LYS C 160 -13.29 9.85 0.42
C LYS C 160 -12.19 9.92 1.49
N ALA C 161 -12.20 10.97 2.31
CA ALA C 161 -11.22 11.11 3.36
C ALA C 161 -11.24 9.88 4.26
N LEU C 162 -12.43 9.35 4.50
CA LEU C 162 -12.57 8.17 5.34
C LEU C 162 -11.89 6.92 4.73
N LEU C 163 -12.16 6.67 3.46
CA LEU C 163 -11.61 5.51 2.77
C LEU C 163 -10.10 5.58 2.60
N LEU C 164 -9.57 6.80 2.56
CA LEU C 164 -8.13 7.01 2.40
C LEU C 164 -7.38 6.77 3.73
N ASP C 165 -8.13 6.74 4.82
CA ASP C 165 -7.60 6.56 6.18
C ASP C 165 -7.14 5.12 6.43
N CYS C 166 -5.82 4.93 6.56
CA CYS C 166 -5.21 3.62 6.79
C CYS C 166 -5.72 2.93 8.06
N THR C 167 -6.15 3.71 9.05
CA THR C 167 -6.67 3.14 10.29
C THR C 167 -8.09 2.60 10.13
N VAL C 168 -8.77 3.00 9.06
CA VAL C 168 -10.15 2.54 8.82
C VAL C 168 -10.13 1.18 8.15
N VAL C 169 -9.32 1.06 7.12
CA VAL C 169 -9.16 -0.19 6.39
C VAL C 169 -7.80 -0.05 5.70
N ALA C 170 -7.06 -1.14 5.55
CA ALA C 170 -5.75 -1.03 4.94
C ALA C 170 -5.76 -1.10 3.43
N GLY C 171 -4.82 -0.39 2.80
CA GLY C 171 -4.67 -0.47 1.35
C GLY C 171 -5.33 0.41 0.32
N PHE C 172 -6.25 1.30 0.71
CA PHE C 172 -6.91 2.13 -0.32
C PHE C 172 -6.31 3.50 -0.57
N GLY C 173 -5.64 3.63 -1.71
CA GLY C 173 -5.05 4.89 -2.11
C GLY C 173 -6.00 5.67 -3.00
N ASN C 174 -5.54 6.82 -3.50
CA ASN C 174 -6.39 7.66 -4.32
C ASN C 174 -7.13 6.94 -5.44
N ILE C 175 -6.43 6.11 -6.20
CA ILE C 175 -7.06 5.40 -7.31
C ILE C 175 -8.20 4.45 -6.92
N TYR C 176 -7.95 3.49 -6.04
CA TYR C 176 -9.01 2.55 -5.67
C TYR C 176 -10.16 3.23 -4.92
N VAL C 177 -9.87 4.35 -4.25
CA VAL C 177 -10.92 5.08 -3.55
C VAL C 177 -11.90 5.66 -4.58
N ASP C 178 -11.41 6.42 -5.55
CA ASP C 178 -12.28 7.01 -6.58
C ASP C 178 -13.00 5.92 -7.39
N GLU C 179 -12.30 4.84 -7.72
CA GLU C 179 -12.90 3.75 -8.47
C GLU C 179 -14.02 3.09 -7.66
N SER C 180 -13.74 2.78 -6.40
CA SER C 180 -14.72 2.15 -5.51
C SER C 180 -15.98 3.01 -5.36
N LEU C 181 -15.80 4.31 -5.16
CA LEU C 181 -16.92 5.25 -5.00
C LEU C 181 -17.77 5.31 -6.26
N PHE C 182 -17.12 5.31 -7.43
CA PHE C 182 -17.88 5.34 -8.68
C PHE C 182 -18.70 4.07 -8.81
N ARG C 183 -18.09 2.93 -8.55
CA ARG C 183 -18.80 1.66 -8.65
C ARG C 183 -19.94 1.53 -7.64
N ALA C 184 -19.82 2.22 -6.51
CA ALA C 184 -20.88 2.16 -5.48
C ALA C 184 -21.95 3.24 -5.72
N GLY C 185 -21.70 4.10 -6.70
CA GLY C 185 -22.63 5.18 -7.04
C GLY C 185 -22.69 6.31 -6.04
N ILE C 186 -21.57 6.52 -5.34
CA ILE C 186 -21.46 7.54 -4.29
C ILE C 186 -20.48 8.67 -4.59
N LEU C 187 -20.97 9.91 -4.48
CA LEU C 187 -20.10 11.07 -4.71
C LEU C 187 -19.01 11.10 -3.62
N PRO C 188 -17.75 11.32 -4.01
CA PRO C 188 -16.62 11.37 -3.09
C PRO C 188 -16.65 12.50 -2.04
N GLY C 189 -17.30 13.60 -2.39
CA GLY C 189 -17.39 14.73 -1.47
C GLY C 189 -18.53 14.57 -0.47
N ARG C 190 -19.24 13.44 -0.52
CA ARG C 190 -20.34 13.21 0.41
C ARG C 190 -19.82 13.05 1.83
N PRO C 191 -20.50 13.65 2.81
CA PRO C 191 -20.03 13.48 4.18
C PRO C 191 -20.15 11.99 4.52
N ALA C 192 -19.15 11.42 5.18
CA ALA C 192 -19.20 10.01 5.55
C ALA C 192 -20.49 9.69 6.31
N ALA C 193 -20.87 10.56 7.23
CA ALA C 193 -22.08 10.35 8.02
C ALA C 193 -23.37 10.45 7.20
N SER C 194 -23.33 11.17 6.08
CA SER C 194 -24.53 11.30 5.27
C SER C 194 -24.90 9.98 4.60
N LEU C 195 -23.99 9.01 4.64
CA LEU C 195 -24.25 7.73 3.99
C LEU C 195 -25.30 6.88 4.70
N SER C 196 -26.25 6.38 3.92
CA SER C 196 -27.30 5.53 4.46
C SER C 196 -26.72 4.14 4.68
N SER C 197 -27.48 3.33 5.40
CA SER C 197 -27.08 1.97 5.69
C SER C 197 -26.88 1.23 4.37
N LYS C 198 -27.85 1.35 3.47
CA LYS C 198 -27.78 0.68 2.18
C LYS C 198 -26.53 1.11 1.39
N GLU C 199 -26.15 2.37 1.53
CA GLU C 199 -24.98 2.90 0.84
C GLU C 199 -23.67 2.29 1.41
N ILE C 200 -23.60 2.19 2.74
CA ILE C 200 -22.43 1.62 3.40
C ILE C 200 -22.21 0.19 2.91
N GLU C 201 -23.28 -0.59 2.94
CA GLU C 201 -23.26 -1.98 2.49
C GLU C 201 -22.77 -2.10 1.03
N ARG C 202 -23.30 -1.24 0.18
CA ARG C 202 -22.93 -1.22 -1.23
C ARG C 202 -21.45 -0.83 -1.41
N LEU C 203 -21.00 0.16 -0.65
CA LEU C 203 -19.62 0.61 -0.75
C LEU C 203 -18.67 -0.48 -0.28
N HIS C 204 -19.00 -1.15 0.82
CA HIS C 204 -18.14 -2.22 1.30
C HIS C 204 -17.97 -3.24 0.21
N GLU C 205 -19.05 -3.55 -0.48
CA GLU C 205 -19.03 -4.54 -1.54
C GLU C 205 -18.14 -4.14 -2.71
N GLU C 206 -18.28 -2.91 -3.18
CA GLU C 206 -17.46 -2.47 -4.31
C GLU C 206 -15.98 -2.33 -3.94
N MET C 207 -15.71 -2.01 -2.68
CA MET C 207 -14.33 -1.87 -2.23
C MET C 207 -13.63 -3.24 -2.31
N VAL C 208 -14.31 -4.26 -1.80
CA VAL C 208 -13.78 -5.61 -1.83
C VAL C 208 -13.59 -6.10 -3.27
N ALA C 209 -14.56 -5.81 -4.13
CA ALA C 209 -14.47 -6.22 -5.52
C ALA C 209 -13.34 -5.49 -6.21
N THR C 210 -13.23 -4.19 -5.95
CA THR C 210 -12.19 -3.39 -6.57
C THR C 210 -10.81 -3.88 -6.14
N ILE C 211 -10.71 -4.37 -4.91
CA ILE C 211 -9.45 -4.88 -4.40
C ILE C 211 -9.17 -6.30 -4.89
N GLY C 212 -10.16 -7.17 -4.77
CA GLY C 212 -9.99 -8.55 -5.20
C GLY C 212 -9.79 -8.72 -6.69
N GLU C 213 -10.66 -8.11 -7.49
CA GLU C 213 -10.56 -8.20 -8.94
C GLU C 213 -9.17 -7.83 -9.45
N ALA C 214 -8.55 -6.83 -8.82
CA ALA C 214 -7.24 -6.37 -9.22
C ALA C 214 -6.26 -7.54 -9.38
N VAL C 215 -6.25 -8.42 -8.38
CA VAL C 215 -5.40 -9.61 -8.40
C VAL C 215 -6.00 -10.71 -7.54
N MET C 216 -5.99 -11.93 -8.07
CA MET C 216 -6.53 -13.11 -7.40
C MET C 216 -6.15 -13.13 -5.92
N GLN C 236 -3.43 2.93 -15.96
CA GLN C 236 -4.72 2.92 -16.66
C GLN C 236 -5.27 1.51 -16.76
N HIS C 237 -6.06 1.27 -17.82
CA HIS C 237 -6.67 -0.04 -18.06
C HIS C 237 -7.67 -0.37 -16.94
N HIS C 238 -8.87 -0.76 -17.34
CA HIS C 238 -9.95 -1.10 -16.42
C HIS C 238 -10.33 0.00 -15.41
N LEU C 239 -10.08 1.26 -15.75
CA LEU C 239 -10.45 2.35 -14.85
C LEU C 239 -11.72 3.05 -15.34
N TYR C 240 -12.61 3.35 -14.42
CA TYR C 240 -13.86 4.01 -14.76
C TYR C 240 -13.75 5.52 -14.70
N VAL C 241 -13.05 6.02 -13.69
CA VAL C 241 -12.92 7.46 -13.51
C VAL C 241 -11.54 8.05 -13.29
N TYR C 242 -10.70 7.38 -12.51
CA TYR C 242 -9.37 7.92 -12.21
C TYR C 242 -8.61 8.35 -13.46
N GLY C 243 -8.20 9.62 -13.47
CA GLY C 243 -7.47 10.20 -14.59
C GLY C 243 -8.23 10.29 -15.91
N ARG C 244 -9.53 10.03 -15.88
CA ARG C 244 -10.32 10.08 -17.12
C ARG C 244 -11.17 11.33 -17.29
N GLN C 245 -10.85 12.38 -16.54
CA GLN C 245 -11.60 13.63 -16.62
C GLN C 245 -11.73 14.10 -18.06
N GLY C 246 -12.92 14.56 -18.43
CA GLY C 246 -13.15 15.02 -19.79
C GLY C 246 -13.51 13.93 -20.77
N ASN C 247 -13.41 12.67 -20.34
CA ASN C 247 -13.76 11.56 -21.21
C ASN C 247 -15.13 11.01 -20.81
N PRO C 248 -15.85 10.40 -21.76
CA PRO C 248 -17.16 9.87 -21.41
C PRO C 248 -17.13 8.73 -20.40
N CYS C 249 -18.11 8.72 -19.51
CA CYS C 249 -18.23 7.69 -18.50
C CYS C 249 -18.54 6.40 -19.25
N LYS C 250 -17.91 5.30 -18.86
CA LYS C 250 -18.12 4.03 -19.53
C LYS C 250 -19.48 3.40 -19.26
N ARG C 251 -20.21 3.95 -18.29
CA ARG C 251 -21.52 3.40 -17.99
C ARG C 251 -22.67 4.25 -18.51
N CYS C 252 -22.51 5.56 -18.53
CA CYS C 252 -23.59 6.43 -18.99
C CYS C 252 -23.24 7.47 -20.05
N GLY C 253 -21.96 7.60 -20.38
CA GLY C 253 -21.58 8.55 -21.41
C GLY C 253 -21.32 9.98 -20.96
N THR C 254 -21.69 10.28 -19.73
CA THR C 254 -21.48 11.62 -19.18
C THR C 254 -20.00 11.88 -18.97
N PRO C 255 -19.53 13.07 -19.36
CA PRO C 255 -18.10 13.39 -19.19
C PRO C 255 -17.66 13.30 -17.73
N ILE C 256 -16.56 12.59 -17.48
CA ILE C 256 -16.03 12.47 -16.13
C ILE C 256 -15.45 13.81 -15.72
N GLU C 257 -15.66 14.19 -14.46
CA GLU C 257 -15.15 15.47 -13.97
C GLU C 257 -14.09 15.25 -12.89
N LYS C 258 -13.27 16.27 -12.67
CA LYS C 258 -12.23 16.19 -11.65
C LYS C 258 -12.28 17.40 -10.76
N THR C 259 -12.12 17.17 -9.47
CA THR C 259 -12.16 18.24 -8.51
C THR C 259 -11.18 17.91 -7.39
N VAL C 260 -11.14 18.74 -6.35
CA VAL C 260 -10.26 18.50 -5.21
C VAL C 260 -11.12 18.17 -4.01
N VAL C 261 -10.89 16.99 -3.43
CA VAL C 261 -11.63 16.55 -2.25
C VAL C 261 -10.59 15.95 -1.29
N ALA C 262 -10.73 16.25 0.00
CA ALA C 262 -9.80 15.78 1.02
C ALA C 262 -8.38 16.11 0.60
N GLY C 263 -8.21 17.26 -0.06
CA GLY C 263 -6.90 17.69 -0.51
C GLY C 263 -6.29 16.88 -1.65
N ARG C 264 -7.07 16.01 -2.27
CA ARG C 264 -6.56 15.18 -3.37
C ARG C 264 -7.36 15.36 -4.66
N GLY C 265 -6.70 15.07 -5.79
CA GLY C 265 -7.38 15.12 -7.07
C GLY C 265 -8.47 14.07 -6.95
N THR C 266 -9.68 14.38 -7.40
CA THR C 266 -10.81 13.47 -7.27
C THR C 266 -11.64 13.39 -8.54
N HIS C 267 -11.84 12.16 -9.01
CA HIS C 267 -12.55 11.90 -10.25
C HIS C 267 -13.87 11.19 -10.01
N TYR C 268 -14.91 11.62 -10.71
CA TYR C 268 -16.22 11.03 -10.52
C TYR C 268 -17.16 11.33 -11.69
N CYS C 269 -18.24 10.56 -11.80
CA CYS C 269 -19.25 10.80 -12.83
C CYS C 269 -20.42 11.46 -12.12
N PRO C 270 -20.76 12.70 -12.49
CA PRO C 270 -21.86 13.41 -11.84
C PRO C 270 -23.25 12.79 -12.05
N ARG C 271 -23.37 11.86 -13.00
CA ARG C 271 -24.67 11.22 -13.19
C ARG C 271 -24.75 9.91 -12.44
N CYS C 272 -23.70 9.08 -12.55
CA CYS C 272 -23.68 7.79 -11.88
C CYS C 272 -23.54 7.84 -10.37
N GLN C 273 -22.87 8.88 -9.88
CA GLN C 273 -22.65 9.00 -8.44
C GLN C 273 -23.51 10.10 -7.83
N ARG C 274 -24.06 9.82 -6.66
N ARG C 274 -24.07 9.83 -6.66
CA ARG C 274 -24.91 10.77 -5.95
CA ARG C 274 -24.92 10.79 -5.98
C ARG C 274 -24.55 10.85 -4.47
C ARG C 274 -24.56 10.90 -4.49
ZN ZN D . -21.75 7.70 -15.44
#